data_3GZR
#
_entry.id   3GZR
#
_cell.length_a   71.825
_cell.length_b   71.825
_cell.length_c   121.395
_cell.angle_alpha   90.000
_cell.angle_beta   90.000
_cell.angle_gamma   120.000
#
_symmetry.space_group_name_H-M   'P 65'
#
loop_
_entity.id
_entity.type
_entity.pdbx_description
1 polymer 'uncharacterized protein with a NTF2-like fold'
2 non-polymer 'UNKNOWN LIGAND'
3 non-polymer 'SULFATE ION'
4 non-polymer GLYCEROL
5 water water
#
_entity_poly.entity_id   1
_entity_poly.type   'polypeptide(L)'
_entity_poly.pdbx_seq_one_letter_code
;GGEGTDAIQALIQAYFTAWNTNAPERFAEIFWPDGSWVNVVG(MSE)HWRGRDQIVFAHTAFLKTIFKDCKQELVTIEAR
TIAPGSALAVVTLIQDAYVTPDGRQ(MSE)PRAHDRLTLLAVEREGVWRFIHGHNTIVNPDAANNDPVLR(MSE)KPA
;
_entity_poly.pdbx_strand_id   A,B
#
loop_
_chem_comp.id
_chem_comp.type
_chem_comp.name
_chem_comp.formula
GOL non-polymer GLYCEROL 'C3 H8 O3'
SO4 non-polymer 'SULFATE ION' 'O4 S -2'
UNL non-polymer 'UNKNOWN LIGAND' ?
#
# COMPACT_ATOMS: atom_id res chain seq x y z
N GLY A 2 -2.94 -21.31 -7.57
CA GLY A 2 -4.31 -21.18 -8.21
C GLY A 2 -4.41 -20.14 -9.31
N GLU A 3 -5.63 -19.98 -9.89
CA GLU A 3 -5.83 -19.10 -11.04
C GLU A 3 -5.42 -17.67 -10.74
N GLY A 4 -5.88 -17.11 -9.62
CA GLY A 4 -5.55 -15.76 -9.25
C GLY A 4 -4.07 -15.53 -9.06
N THR A 5 -3.38 -16.47 -8.42
CA THR A 5 -1.94 -16.36 -8.21
CA THR A 5 -1.95 -16.31 -8.21
C THR A 5 -1.22 -16.33 -9.56
N ASP A 6 -1.54 -17.29 -10.42
CA ASP A 6 -0.91 -17.32 -11.73
C ASP A 6 -1.19 -16.02 -12.52
N ALA A 7 -2.43 -15.55 -12.47
CA ALA A 7 -2.83 -14.35 -13.20
C ALA A 7 -2.10 -13.12 -12.72
N ILE A 8 -2.02 -12.94 -11.40
CA ILE A 8 -1.36 -11.74 -10.88
C ILE A 8 0.16 -11.80 -11.12
N GLN A 9 0.75 -13.00 -11.05
CA GLN A 9 2.18 -13.11 -11.41
C GLN A 9 2.41 -12.64 -12.84
N ALA A 10 1.53 -13.02 -13.75
CA ALA A 10 1.67 -12.60 -15.16
C ALA A 10 1.48 -11.09 -15.31
N LEU A 11 0.51 -10.53 -14.58
CA LEU A 11 0.30 -9.10 -14.62
C LEU A 11 1.53 -8.32 -14.08
N ILE A 12 2.13 -8.83 -13.01
CA ILE A 12 3.31 -8.23 -12.40
C ILE A 12 4.47 -8.23 -13.41
N GLN A 13 4.67 -9.38 -14.06
CA GLN A 13 5.73 -9.46 -15.09
C GLN A 13 5.47 -8.44 -16.20
N ALA A 14 4.21 -8.31 -16.65
CA ALA A 14 3.89 -7.31 -17.68
C ALA A 14 4.19 -5.88 -17.22
N TYR A 15 3.88 -5.60 -15.97
CA TYR A 15 4.13 -4.27 -15.40
C TYR A 15 5.62 -3.95 -15.40
N PHE A 16 6.44 -4.89 -14.95
CA PHE A 16 7.92 -4.72 -14.88
CA PHE A 16 7.88 -4.61 -14.88
C PHE A 16 8.53 -4.59 -16.26
N THR A 17 8.01 -5.35 -17.23
CA THR A 17 8.50 -5.24 -18.61
C THR A 17 8.24 -3.80 -19.15
N ALA A 18 7.02 -3.31 -18.93
CA ALA A 18 6.65 -1.94 -19.37
C ALA A 18 7.55 -0.88 -18.73
N TRP A 19 7.82 -1.04 -17.44
CA TRP A 19 8.68 -0.13 -16.69
C TRP A 19 10.11 -0.16 -17.24
N ASN A 20 10.68 -1.35 -17.27
CA ASN A 20 12.09 -1.54 -17.66
C ASN A 20 12.43 -1.28 -19.11
N THR A 21 11.44 -1.40 -20.00
CA THR A 21 11.63 -1.09 -21.42
C THR A 21 11.14 0.30 -21.78
N ASN A 22 10.78 1.12 -20.78
CA ASN A 22 10.23 2.47 -20.98
CA ASN A 22 10.27 2.47 -21.03
C ASN A 22 9.12 2.46 -22.03
N ALA A 23 8.13 1.60 -21.77
CA ALA A 23 6.99 1.44 -22.67
C ALA A 23 5.73 1.74 -21.85
N PRO A 24 5.60 3.00 -21.38
CA PRO A 24 4.43 3.32 -20.54
C PRO A 24 3.05 3.21 -21.23
N GLU A 25 3.06 3.21 -22.56
CA GLU A 25 1.87 2.93 -23.36
C GLU A 25 1.32 1.49 -23.16
N ARG A 26 2.08 0.62 -22.49
CA ARG A 26 1.68 -0.75 -22.20
C ARG A 26 1.03 -0.93 -20.81
N PHE A 27 1.00 0.12 -19.99
CA PHE A 27 0.37 0.00 -18.67
C PHE A 27 -1.15 -0.06 -18.69
N ALA A 28 -1.80 0.72 -19.56
CA ALA A 28 -3.26 0.80 -19.49
C ALA A 28 -3.95 -0.54 -19.58
N GLU A 29 -3.46 -1.40 -20.46
CA GLU A 29 -4.10 -2.69 -20.71
C GLU A 29 -4.06 -3.67 -19.54
N ILE A 30 -3.20 -3.40 -18.56
CA ILE A 30 -3.14 -4.26 -17.37
C ILE A 30 -3.85 -3.68 -16.14
N PHE A 31 -4.58 -2.57 -16.30
CA PHE A 31 -5.42 -2.01 -15.23
C PHE A 31 -6.87 -1.89 -15.66
N TRP A 32 -7.77 -2.09 -14.70
CA TRP A 32 -9.17 -1.75 -14.90
C TRP A 32 -9.29 -0.22 -14.92
N PRO A 33 -10.32 0.32 -15.59
CA PRO A 33 -10.51 1.77 -15.63
C PRO A 33 -10.65 2.43 -14.27
N ASP A 34 -11.26 1.71 -13.33
CA ASP A 34 -11.50 2.16 -11.96
C ASP A 34 -10.33 1.85 -11.01
N GLY A 35 -9.15 1.59 -11.54
CA GLY A 35 -7.97 1.38 -10.73
C GLY A 35 -7.52 2.62 -9.96
N SER A 36 -6.65 2.37 -8.98
CA SER A 36 -6.03 3.44 -8.16
C SER A 36 -4.62 3.05 -7.82
N TRP A 37 -3.86 4.03 -7.30
CA TRP A 37 -2.44 3.80 -6.99
C TRP A 37 -1.99 4.77 -5.91
N VAL A 38 -1.04 4.33 -5.10
CA VAL A 38 -0.34 5.18 -4.12
C VAL A 38 1.15 4.92 -4.25
N ASN A 39 1.95 5.94 -4.57
CA ASN A 39 3.39 5.75 -4.80
C ASN A 39 4.23 5.91 -3.52
N VAL A 40 5.54 5.80 -3.69
CA VAL A 40 6.48 5.78 -2.56
C VAL A 40 6.54 7.06 -1.74
N VAL A 41 6.06 8.19 -2.29
CA VAL A 41 6.00 9.47 -1.59
C VAL A 41 4.55 9.85 -1.22
N GLY A 42 3.62 8.90 -1.33
CA GLY A 42 2.25 9.09 -0.92
C GLY A 42 1.33 9.79 -1.91
N MSE A 43 1.75 9.94 -3.17
CA MSE A 43 0.86 10.50 -4.20
C MSE A 43 -0.21 9.50 -4.48
O MSE A 43 0.10 8.35 -4.60
CB MSE A 43 1.61 10.80 -5.45
CG MSE A 43 2.62 11.92 -5.27
SE MSE A 43 3.85 12.08 -6.77
CE MSE A 43 4.91 13.54 -6.10
N HIS A 44 -1.45 9.96 -4.55
CA HIS A 44 -2.64 9.13 -4.73
C HIS A 44 -3.25 9.41 -6.10
N TRP A 45 -3.25 8.39 -6.96
CA TRP A 45 -3.79 8.50 -8.32
C TRP A 45 -5.09 7.74 -8.39
N ARG A 46 -6.10 8.42 -8.95
CA ARG A 46 -7.51 8.00 -8.95
C ARG A 46 -7.95 7.74 -10.37
N GLY A 47 -8.24 6.50 -10.69
CA GLY A 47 -8.62 6.14 -12.05
C GLY A 47 -7.43 5.79 -12.89
N ARG A 48 -7.65 4.93 -13.86
CA ARG A 48 -6.58 4.48 -14.74
C ARG A 48 -5.87 5.61 -15.50
N ASP A 49 -6.61 6.60 -15.97
CA ASP A 49 -5.97 7.64 -16.76
C ASP A 49 -4.92 8.35 -15.92
N GLN A 50 -5.21 8.63 -14.66
CA GLN A 50 -4.24 9.26 -13.74
C GLN A 50 -3.01 8.37 -13.51
N ILE A 51 -3.27 7.08 -13.27
CA ILE A 51 -2.18 6.10 -13.06
C ILE A 51 -1.21 6.12 -14.24
N VAL A 52 -1.77 6.03 -15.43
CA VAL A 52 -0.99 5.98 -16.65
C VAL A 52 -0.29 7.31 -16.91
N PHE A 53 -0.97 8.44 -16.73
CA PHE A 53 -0.38 9.77 -16.95
C PHE A 53 0.83 9.97 -16.06
N ALA A 54 0.70 9.60 -14.78
CA ALA A 54 1.81 9.80 -13.83
C ALA A 54 2.96 8.85 -14.07
N HIS A 55 2.66 7.57 -14.32
CA HIS A 55 3.71 6.60 -14.66
C HIS A 55 4.50 7.05 -15.88
N THR A 56 3.77 7.51 -16.90
CA THR A 56 4.38 8.00 -18.13
C THR A 56 5.28 9.20 -17.86
N ALA A 57 4.77 10.17 -17.09
CA ALA A 57 5.53 11.39 -16.77
C ALA A 57 6.83 11.09 -16.08
N PHE A 58 6.80 10.20 -15.09
CA PHE A 58 8.03 9.92 -14.33
C PHE A 58 8.99 9.04 -15.10
N LEU A 59 8.48 8.13 -15.94
CA LEU A 59 9.39 7.31 -16.81
C LEU A 59 10.07 8.16 -17.88
N LYS A 60 9.49 9.32 -18.25
CA LYS A 60 10.14 10.26 -19.19
CA LYS A 60 10.13 10.26 -19.19
C LYS A 60 11.25 11.05 -18.51
N THR A 61 11.16 11.23 -17.20
CA THR A 61 12.09 12.04 -16.44
C THR A 61 12.92 11.24 -15.45
N ILE A 62 12.51 11.24 -14.18
CA ILE A 62 13.37 10.74 -13.10
C ILE A 62 13.69 9.25 -13.19
N PHE A 63 12.76 8.49 -13.77
CA PHE A 63 12.91 7.04 -13.89
C PHE A 63 13.28 6.54 -15.28
N LYS A 64 13.69 7.45 -16.17
CA LYS A 64 14.02 7.01 -17.55
CA LYS A 64 14.15 7.15 -17.51
C LYS A 64 15.15 5.97 -17.55
N ASP A 65 16.10 6.05 -16.64
CA ASP A 65 17.20 5.07 -16.57
C ASP A 65 17.13 4.16 -15.34
N CYS A 66 16.00 4.20 -14.67
CA CYS A 66 15.83 3.53 -13.39
C CYS A 66 15.15 2.21 -13.54
N LYS A 67 15.93 1.14 -13.47
CA LYS A 67 15.41 -0.22 -13.58
C LYS A 67 14.86 -0.71 -12.27
N GLN A 68 13.86 -1.59 -12.35
CA GLN A 68 13.33 -2.27 -11.20
C GLN A 68 13.57 -3.77 -11.41
N GLU A 69 13.82 -4.48 -10.31
CA GLU A 69 14.11 -5.90 -10.37
C GLU A 69 13.27 -6.66 -9.37
N LEU A 70 12.49 -7.62 -9.86
CA LEU A 70 11.70 -8.47 -8.97
C LEU A 70 12.62 -9.36 -8.13
N VAL A 71 12.37 -9.43 -6.83
CA VAL A 71 13.07 -10.29 -5.90
C VAL A 71 12.14 -11.46 -5.47
N THR A 72 10.96 -11.11 -4.95
CA THR A 72 9.94 -12.11 -4.57
CA THR A 72 9.96 -12.05 -4.50
C THR A 72 8.55 -11.56 -4.85
N ILE A 73 7.65 -12.47 -5.20
CA ILE A 73 6.21 -12.18 -5.32
C ILE A 73 5.51 -13.14 -4.37
N GLU A 74 4.81 -12.61 -3.36
CA GLU A 74 4.00 -13.42 -2.45
C GLU A 74 2.53 -13.12 -2.77
N ALA A 75 1.98 -13.93 -3.67
CA ALA A 75 0.62 -13.77 -4.17
C ALA A 75 -0.27 -14.82 -3.56
N ARG A 76 -1.54 -14.43 -3.32
CA ARG A 76 -2.56 -15.32 -2.81
C ARG A 76 -3.95 -14.87 -3.24
N THR A 77 -4.88 -15.82 -3.25
CA THR A 77 -6.28 -15.55 -3.50
C THR A 77 -6.88 -15.15 -2.15
N ILE A 78 -7.58 -14.02 -2.14
CA ILE A 78 -8.27 -13.53 -0.93
C ILE A 78 -9.79 -13.71 -0.96
N ALA A 79 -10.33 -13.94 -2.16
CA ALA A 79 -11.75 -14.21 -2.39
C ALA A 79 -11.83 -14.76 -3.81
N PRO A 80 -12.92 -15.45 -4.17
CA PRO A 80 -13.04 -15.86 -5.59
C PRO A 80 -12.98 -14.62 -6.50
N GLY A 81 -12.06 -14.67 -7.47
CA GLY A 81 -11.87 -13.57 -8.40
C GLY A 81 -11.04 -12.43 -7.89
N SER A 82 -10.35 -12.59 -6.76
CA SER A 82 -9.51 -11.54 -6.17
CA SER A 82 -9.51 -11.54 -6.20
C SER A 82 -8.16 -12.10 -5.72
N ALA A 83 -7.08 -11.52 -6.21
CA ALA A 83 -5.74 -11.94 -5.87
C ALA A 83 -4.94 -10.75 -5.36
N LEU A 84 -4.18 -10.96 -4.30
CA LEU A 84 -3.35 -9.94 -3.66
C LEU A 84 -1.91 -10.40 -3.66
N ALA A 85 -0.99 -9.53 -4.06
CA ALA A 85 0.42 -9.81 -3.99
C ALA A 85 1.17 -8.76 -3.21
N VAL A 86 2.15 -9.21 -2.41
CA VAL A 86 3.14 -8.34 -1.79
C VAL A 86 4.45 -8.68 -2.50
N VAL A 87 4.95 -7.70 -3.22
CA VAL A 87 6.13 -7.82 -4.09
C VAL A 87 7.29 -7.14 -3.44
N THR A 88 8.44 -7.80 -3.44
CA THR A 88 9.70 -7.20 -3.01
C THR A 88 10.53 -6.98 -4.28
N LEU A 89 10.99 -5.75 -4.51
CA LEU A 89 11.79 -5.42 -5.67
C LEU A 89 13.00 -4.61 -5.25
N ILE A 90 13.99 -4.57 -6.11
CA ILE A 90 15.12 -3.66 -5.93
C ILE A 90 15.03 -2.60 -7.04
N GLN A 91 14.96 -1.36 -6.63
CA GLN A 91 14.88 -0.23 -7.53
C GLN A 91 16.22 0.46 -7.59
N ASP A 92 16.66 0.85 -8.78
CA ASP A 92 17.90 1.61 -8.94
C ASP A 92 17.83 2.95 -8.22
N ALA A 93 19.01 3.49 -7.95
CA ALA A 93 19.13 4.87 -7.50
C ALA A 93 18.54 5.83 -8.54
N TYR A 94 18.08 6.99 -8.09
CA TYR A 94 17.52 8.02 -8.97
C TYR A 94 17.60 9.38 -8.26
N VAL A 95 17.32 10.44 -9.00
CA VAL A 95 17.34 11.79 -8.44
C VAL A 95 15.93 12.31 -8.56
N THR A 96 15.42 12.88 -7.48
CA THR A 96 14.06 13.44 -7.46
C THR A 96 14.01 14.71 -8.34
N PRO A 97 12.80 15.19 -8.71
CA PRO A 97 12.74 16.39 -9.57
C PRO A 97 13.48 17.60 -8.98
N ASP A 98 13.50 17.73 -7.64
CA ASP A 98 14.20 18.80 -6.93
C ASP A 98 15.63 18.46 -6.47
N GLY A 99 16.24 17.42 -7.07
CA GLY A 99 17.65 17.14 -6.87
C GLY A 99 18.11 16.28 -5.73
N ARG A 100 17.21 15.59 -5.04
CA ARG A 100 17.61 14.74 -3.93
CA ARG A 100 17.62 14.74 -3.92
C ARG A 100 18.04 13.38 -4.47
N GLN A 101 19.20 12.91 -4.03
CA GLN A 101 19.69 11.62 -4.44
C GLN A 101 18.98 10.53 -3.62
N MSE A 102 18.26 9.66 -4.33
CA MSE A 102 17.63 8.51 -3.72
C MSE A 102 18.50 7.29 -3.98
O MSE A 102 18.88 7.04 -5.13
CB MSE A 102 16.24 8.30 -4.30
CG MSE A 102 15.32 9.44 -4.00
SE MSE A 102 14.93 9.80 -2.11
CE MSE A 102 13.83 8.23 -1.65
N PRO A 103 18.84 6.54 -2.91
CA PRO A 103 19.71 5.40 -3.11
C PRO A 103 18.98 4.20 -3.68
N ARG A 104 19.77 3.30 -4.25
CA ARG A 104 19.29 2.00 -4.65
CA ARG A 104 19.30 2.00 -4.65
C ARG A 104 18.69 1.41 -3.38
N ALA A 105 17.52 0.80 -3.49
CA ALA A 105 16.80 0.29 -2.32
C ALA A 105 15.84 -0.80 -2.70
N HIS A 106 15.45 -1.59 -1.71
CA HIS A 106 14.31 -2.47 -1.85
C HIS A 106 13.03 -1.66 -1.65
N ASP A 107 12.01 -1.98 -2.45
CA ASP A 107 10.66 -1.48 -2.27
C ASP A 107 9.75 -2.66 -1.93
N ARG A 108 8.67 -2.35 -1.21
CA ARG A 108 7.64 -3.31 -0.84
C ARG A 108 6.35 -2.81 -1.48
N LEU A 109 5.86 -3.53 -2.49
CA LEU A 109 4.75 -3.12 -3.34
C LEU A 109 3.56 -4.06 -3.21
N THR A 110 2.42 -3.49 -2.80
CA THR A 110 1.16 -4.24 -2.84
C THR A 110 0.53 -4.07 -4.21
N LEU A 111 0.08 -5.19 -4.77
CA LEU A 111 -0.72 -5.17 -6.02
C LEU A 111 -1.96 -6.02 -5.79
N LEU A 112 -3.11 -5.50 -6.26
CA LEU A 112 -4.37 -6.20 -6.14
CA LEU A 112 -4.42 -6.16 -6.14
C LEU A 112 -4.96 -6.36 -7.54
N ALA A 113 -5.36 -7.58 -7.87
CA ALA A 113 -5.99 -7.88 -9.19
C ALA A 113 -7.36 -8.48 -8.94
N VAL A 114 -8.32 -8.09 -9.77
CA VAL A 114 -9.65 -8.68 -9.71
C VAL A 114 -10.04 -9.19 -11.11
N GLU A 115 -10.87 -10.22 -11.07
CA GLU A 115 -11.36 -10.90 -12.27
C GLU A 115 -12.76 -10.42 -12.64
N ARG A 116 -12.95 -10.01 -13.87
CA ARG A 116 -14.25 -9.56 -14.38
C ARG A 116 -14.46 -10.18 -15.76
N GLU A 117 -15.61 -10.86 -15.91
CA GLU A 117 -15.94 -11.52 -17.18
C GLU A 117 -14.78 -12.46 -17.62
N GLY A 118 -14.17 -13.13 -16.64
CA GLY A 118 -13.09 -14.09 -16.91
C GLY A 118 -11.69 -13.56 -17.16
N VAL A 119 -11.50 -12.24 -17.05
CA VAL A 119 -10.26 -11.54 -17.36
C VAL A 119 -9.75 -10.88 -16.08
N TRP A 120 -8.44 -10.97 -15.83
CA TRP A 120 -7.81 -10.37 -14.68
C TRP A 120 -7.01 -9.12 -15.07
N ARG A 121 -7.20 -8.06 -14.27
CA ARG A 121 -6.37 -6.87 -14.36
C ARG A 121 -6.13 -6.30 -12.97
N PHE A 122 -5.15 -5.43 -12.85
CA PHE A 122 -4.92 -4.71 -11.60
C PHE A 122 -6.05 -3.71 -11.31
N ILE A 123 -6.41 -3.63 -10.05
CA ILE A 123 -7.32 -2.59 -9.51
C ILE A 123 -6.61 -1.61 -8.57
N HIS A 124 -5.44 -1.97 -8.02
CA HIS A 124 -4.75 -1.09 -7.10
C HIS A 124 -3.31 -1.50 -6.91
N GLY A 125 -2.46 -0.49 -6.72
CA GLY A 125 -1.07 -0.69 -6.29
C GLY A 125 -0.74 0.30 -5.19
N HIS A 126 0.20 -0.06 -4.31
CA HIS A 126 0.64 0.80 -3.23
C HIS A 126 2.10 0.43 -2.93
N ASN A 127 3.00 1.40 -3.02
CA ASN A 127 4.44 1.16 -2.87
C ASN A 127 5.01 1.92 -1.68
N THR A 128 5.98 1.30 -1.03
CA THR A 128 6.73 1.88 0.10
C THR A 128 8.20 1.48 -0.02
N ILE A 129 9.12 2.40 0.27
CA ILE A 129 10.55 2.08 0.26
C ILE A 129 10.87 1.32 1.56
N VAL A 130 11.63 0.24 1.46
CA VAL A 130 12.07 -0.50 2.66
C VAL A 130 13.24 0.25 3.28
N ASN A 131 13.11 0.63 4.55
CA ASN A 131 14.19 1.31 5.26
C ASN A 131 15.11 0.22 5.83
N PRO A 132 16.33 0.13 5.31
CA PRO A 132 17.22 -0.95 5.79
C PRO A 132 17.71 -0.73 7.22
N ASP A 133 17.70 0.50 7.71
CA ASP A 133 18.15 0.81 9.09
C ASP A 133 17.13 0.36 10.10
N ALA A 134 15.89 0.19 9.67
CA ALA A 134 14.78 -0.17 10.57
C ALA A 134 14.54 -1.68 10.65
N ALA A 135 15.00 -2.43 9.65
CA ALA A 135 14.54 -3.82 9.47
C ALA A 135 14.78 -4.75 10.65
N ASN A 136 15.95 -4.63 11.30
CA ASN A 136 16.22 -5.56 12.41
C ASN A 136 15.33 -5.35 13.62
N ASN A 137 14.66 -4.20 13.71
CA ASN A 137 13.74 -3.89 14.82
C ASN A 137 12.29 -4.29 14.54
N ASP A 138 12.08 -5.08 13.49
CA ASP A 138 10.73 -5.60 13.18
C ASP A 138 10.34 -6.55 14.34
N PRO A 139 9.26 -6.26 15.10
CA PRO A 139 8.92 -7.05 16.29
C PRO A 139 8.59 -8.49 15.96
N VAL A 140 8.13 -8.80 14.75
CA VAL A 140 7.75 -10.21 14.48
C VAL A 140 8.93 -11.18 14.52
N LEU A 141 10.15 -10.65 14.38
CA LEU A 141 11.38 -11.45 14.51
C LEU A 141 11.57 -12.10 15.87
N ARG A 142 10.90 -11.63 16.94
CA ARG A 142 10.97 -12.33 18.25
C ARG A 142 9.83 -13.31 18.54
N MSE A 143 8.89 -13.47 17.59
CA MSE A 143 7.78 -14.40 17.77
CA MSE A 143 7.75 -14.38 17.74
C MSE A 143 8.27 -15.83 17.63
O MSE A 143 9.22 -16.11 16.88
CB MSE A 143 6.69 -14.15 16.76
CB MSE A 143 6.66 -14.06 16.68
CG MSE A 143 6.04 -12.85 16.95
CG MSE A 143 5.20 -14.43 17.05
SE MSE A 143 4.70 -12.62 15.61
SE MSE A 143 3.85 -13.74 15.74
CE MSE A 143 3.20 -13.58 16.32
CE MSE A 143 4.74 -12.04 15.37
N LYS A 144 7.63 -16.74 18.40
CA LYS A 144 7.90 -18.20 18.44
C LYS A 144 9.07 -18.53 19.35
N GLY B 2 -22.93 2.91 -0.62
CA GLY B 2 -23.04 1.43 -0.80
C GLY B 2 -22.75 0.59 0.44
N GLU B 3 -22.90 -0.71 0.30
CA GLU B 3 -22.74 -1.57 1.47
CA GLU B 3 -22.74 -1.69 1.39
C GLU B 3 -21.26 -1.83 1.81
N GLY B 4 -20.42 -2.02 0.79
CA GLY B 4 -19.00 -2.20 1.02
C GLY B 4 -18.38 -0.97 1.63
N THR B 5 -18.78 0.20 1.14
CA THR B 5 -18.22 1.42 1.65
CA THR B 5 -18.29 1.46 1.63
C THR B 5 -18.73 1.62 3.09
N ASP B 6 -20.02 1.37 3.39
CA ASP B 6 -20.47 1.52 4.80
C ASP B 6 -19.73 0.56 5.75
N ALA B 7 -19.52 -0.68 5.33
CA ALA B 7 -18.85 -1.68 6.17
C ALA B 7 -17.39 -1.32 6.44
N ILE B 8 -16.68 -0.90 5.40
CA ILE B 8 -15.29 -0.53 5.58
C ILE B 8 -15.16 0.78 6.40
N GLN B 9 -16.08 1.71 6.24
CA GLN B 9 -16.10 2.94 7.07
C GLN B 9 -16.10 2.59 8.56
N ALA B 10 -16.94 1.61 8.96
CA ALA B 10 -17.02 1.18 10.36
C ALA B 10 -15.73 0.52 10.82
N LEU B 11 -15.14 -0.35 9.98
CA LEU B 11 -13.85 -0.98 10.32
C LEU B 11 -12.73 0.07 10.50
N ILE B 12 -12.71 1.09 9.64
CA ILE B 12 -11.72 2.17 9.74
C ILE B 12 -11.88 2.93 11.04
N GLN B 13 -13.10 3.28 11.42
CA GLN B 13 -13.32 4.00 12.67
C GLN B 13 -12.83 3.12 13.83
N ALA B 14 -13.08 1.82 13.76
CA ALA B 14 -12.67 0.90 14.85
C ALA B 14 -11.15 0.79 14.94
N TYR B 15 -10.49 0.74 13.79
CA TYR B 15 -9.04 0.66 13.75
C TYR B 15 -8.42 1.89 14.42
N PHE B 16 -8.89 3.08 14.03
CA PHE B 16 -8.35 4.35 14.58
CA PHE B 16 -8.29 4.30 14.58
C PHE B 16 -8.64 4.50 16.05
N THR B 17 -9.83 4.08 16.47
CA THR B 17 -10.15 4.11 17.90
C THR B 17 -9.22 3.16 18.70
N ALA B 18 -8.96 1.96 18.19
CA ALA B 18 -8.05 1.02 18.85
C ALA B 18 -6.65 1.61 18.96
N TRP B 19 -6.19 2.21 17.87
CA TRP B 19 -4.87 2.87 17.86
C TRP B 19 -4.79 3.99 18.89
N ASN B 20 -5.70 4.93 18.78
CA ASN B 20 -5.63 6.16 19.57
C ASN B 20 -5.91 5.98 21.05
N THR B 21 -6.65 4.93 21.41
CA THR B 21 -6.95 4.64 22.81
C THR B 21 -6.01 3.57 23.37
N ASN B 22 -4.97 3.16 22.62
CA ASN B 22 -4.01 2.13 23.03
CA ASN B 22 -4.00 2.15 23.04
C ASN B 22 -4.70 0.86 23.49
N ALA B 23 -5.56 0.36 22.60
CA ALA B 23 -6.33 -0.86 22.84
C ALA B 23 -6.03 -1.82 21.70
N PRO B 24 -4.74 -2.24 21.55
CA PRO B 24 -4.38 -3.11 20.46
C PRO B 24 -5.02 -4.50 20.50
N GLU B 25 -5.52 -4.93 21.66
CA GLU B 25 -6.28 -6.18 21.79
C GLU B 25 -7.58 -6.17 20.93
N ARG B 26 -8.01 -4.99 20.49
CA ARG B 26 -9.18 -4.87 19.64
C ARG B 26 -8.87 -5.13 18.19
N PHE B 27 -7.60 -5.14 17.79
CA PHE B 27 -7.28 -5.36 16.36
C PHE B 27 -7.64 -6.74 15.87
N ALA B 28 -7.53 -7.77 16.72
CA ALA B 28 -7.80 -9.15 16.25
C ALA B 28 -9.20 -9.36 15.68
N GLU B 29 -10.14 -8.61 16.19
CA GLU B 29 -11.54 -8.73 15.77
CA GLU B 29 -11.53 -8.59 15.83
C GLU B 29 -11.82 -8.00 14.43
N ILE B 30 -10.92 -7.16 13.97
CA ILE B 30 -11.16 -6.45 12.67
C ILE B 30 -10.30 -6.89 11.51
N PHE B 31 -9.55 -7.97 11.71
CA PHE B 31 -8.78 -8.62 10.68
C PHE B 31 -9.20 -10.07 10.51
N TRP B 32 -9.16 -10.55 9.28
CA TRP B 32 -9.27 -11.97 9.00
C TRP B 32 -7.95 -12.64 9.41
N PRO B 33 -7.98 -13.94 9.74
CA PRO B 33 -6.73 -14.63 10.13
C PRO B 33 -5.64 -14.60 9.08
N ASP B 34 -6.06 -14.64 7.84
CA ASP B 34 -5.19 -14.61 6.66
C ASP B 34 -4.85 -13.17 6.20
N GLY B 35 -5.03 -12.16 7.05
CA GLY B 35 -4.67 -10.81 6.69
C GLY B 35 -3.17 -10.60 6.57
N SER B 36 -2.80 -9.49 5.95
CA SER B 36 -1.41 -9.07 5.81
C SER B 36 -1.30 -7.57 5.94
N TRP B 37 -0.06 -7.10 6.04
CA TRP B 37 0.20 -5.68 6.26
C TRP B 37 1.59 -5.29 5.80
N VAL B 38 1.71 -4.08 5.31
CA VAL B 38 3.01 -3.46 4.98
C VAL B 38 3.02 -2.06 5.63
N ASN B 39 4.00 -1.82 6.51
CA ASN B 39 4.09 -0.56 7.23
C ASN B 39 4.94 0.49 6.50
N VAL B 40 5.08 1.65 7.15
CA VAL B 40 5.70 2.85 6.54
C VAL B 40 7.18 2.68 6.21
N VAL B 41 7.82 1.68 6.82
CA VAL B 41 9.22 1.38 6.53
C VAL B 41 9.37 0.06 5.75
N GLY B 42 8.27 -0.46 5.21
CA GLY B 42 8.31 -1.65 4.37
C GLY B 42 8.34 -2.98 5.10
N MSE B 43 8.11 -3.01 6.42
CA MSE B 43 8.00 -4.27 7.14
C MSE B 43 6.73 -4.96 6.66
O MSE B 43 5.68 -4.31 6.57
CB MSE B 43 7.93 -4.07 8.66
CG MSE B 43 9.23 -3.51 9.22
SE MSE B 43 9.03 -2.92 11.02
CE MSE B 43 10.90 -2.37 11.29
N HIS B 44 6.85 -6.23 6.36
CA HIS B 44 5.77 -7.07 5.82
C HIS B 44 5.36 -8.10 6.85
N TRP B 45 4.12 -7.98 7.33
CA TRP B 45 3.55 -8.89 8.28
C TRP B 45 2.57 -9.81 7.59
N ARG B 46 2.71 -11.09 7.92
CA ARG B 46 2.04 -12.21 7.27
C ARG B 46 1.15 -12.90 8.29
N GLY B 47 -0.16 -12.77 8.10
CA GLY B 47 -1.13 -13.36 8.98
C GLY B 47 -1.50 -12.40 10.11
N ARG B 48 -2.72 -12.59 10.64
CA ARG B 48 -3.21 -11.73 11.69
C ARG B 48 -2.35 -11.76 12.95
N ASP B 49 -1.83 -12.92 13.31
CA ASP B 49 -1.05 -12.99 14.56
C ASP B 49 0.14 -12.04 14.47
N GLN B 50 0.80 -12.03 13.33
CA GLN B 50 1.92 -11.08 13.09
C GLN B 50 1.49 -9.60 13.10
N ILE B 51 0.38 -9.32 12.41
CA ILE B 51 -0.13 -7.96 12.34
C ILE B 51 -0.41 -7.43 13.77
N VAL B 52 -1.10 -8.22 14.57
CA VAL B 52 -1.49 -7.79 15.90
C VAL B 52 -0.25 -7.72 16.81
N PHE B 53 0.64 -8.71 16.71
CA PHE B 53 1.85 -8.72 17.52
C PHE B 53 2.68 -7.45 17.28
N ALA B 54 2.87 -7.09 16.01
CA ALA B 54 3.65 -5.89 15.69
C ALA B 54 2.95 -4.60 16.08
N HIS B 55 1.64 -4.50 15.80
CA HIS B 55 0.87 -3.29 16.21
C HIS B 55 0.95 -3.10 17.71
N THR B 56 0.80 -4.19 18.44
CA THR B 56 0.86 -4.21 19.91
C THR B 56 2.26 -3.76 20.37
N ALA B 57 3.32 -4.35 19.81
CA ALA B 57 4.67 -4.02 20.21
C ALA B 57 4.99 -2.53 20.03
N PHE B 58 4.60 -1.97 18.91
CA PHE B 58 4.87 -0.57 18.63
C PHE B 58 3.97 0.37 19.44
N LEU B 59 2.69 0.00 19.65
CA LEU B 59 1.83 0.82 20.51
C LEU B 59 2.29 0.84 21.96
N LYS B 60 2.93 -0.22 22.44
CA LYS B 60 3.52 -0.28 23.80
C LYS B 60 4.78 0.58 23.93
N THR B 61 5.47 0.83 22.80
CA THR B 61 6.73 1.54 22.79
C THR B 61 6.65 2.86 22.02
N ILE B 62 7.12 2.86 20.77
CA ILE B 62 7.31 4.12 20.03
C ILE B 62 6.02 4.89 19.77
N PHE B 63 4.87 4.21 19.70
CA PHE B 63 3.59 4.88 19.43
C PHE B 63 2.66 5.02 20.63
N LYS B 64 3.18 4.82 21.83
CA LYS B 64 2.34 4.89 23.04
C LYS B 64 1.60 6.24 23.17
N ASP B 65 2.23 7.34 22.74
CA ASP B 65 1.64 8.69 22.77
C ASP B 65 1.39 9.27 21.37
N CYS B 66 1.45 8.44 20.34
CA CYS B 66 1.39 8.87 18.96
C CYS B 66 0.02 8.66 18.36
N LYS B 67 -0.74 9.73 18.21
CA LYS B 67 -2.10 9.66 17.66
C LYS B 67 -2.13 9.78 16.17
N GLN B 68 -3.16 9.18 15.58
CA GLN B 68 -3.43 9.24 14.16
C GLN B 68 -4.81 9.90 14.00
N GLU B 69 -4.85 11.01 13.27
CA GLU B 69 -6.09 11.76 13.06
C GLU B 69 -6.57 11.45 11.65
N LEU B 70 -7.81 10.97 11.49
CA LEU B 70 -8.42 10.78 10.16
C LEU B 70 -8.70 12.11 9.49
N VAL B 71 -8.28 12.27 8.25
CA VAL B 71 -8.54 13.46 7.46
C VAL B 71 -9.59 13.13 6.39
N THR B 72 -9.32 12.11 5.58
CA THR B 72 -10.26 11.68 4.54
CA THR B 72 -10.20 11.71 4.50
C THR B 72 -10.22 10.20 4.34
N ILE B 73 -11.39 9.66 3.99
CA ILE B 73 -11.55 8.28 3.64
C ILE B 73 -12.14 8.27 2.21
N GLU B 74 -11.45 7.63 1.28
CA GLU B 74 -11.92 7.45 -0.09
CA GLU B 74 -11.93 7.45 -0.09
C GLU B 74 -12.13 5.97 -0.28
N ALA B 75 -13.34 5.51 -0.05
CA ALA B 75 -13.68 4.11 -0.09
C ALA B 75 -14.55 3.82 -1.29
N ARG B 76 -14.38 2.64 -1.85
CA ARG B 76 -15.16 2.18 -2.98
C ARG B 76 -15.22 0.66 -3.04
N THR B 77 -16.27 0.17 -3.69
CA THR B 77 -16.38 -1.24 -4.02
C THR B 77 -15.48 -1.55 -5.22
N ILE B 78 -14.78 -2.68 -5.17
CA ILE B 78 -13.98 -3.17 -6.28
C ILE B 78 -14.42 -4.54 -6.86
N ALA B 79 -15.21 -5.29 -6.09
CA ALA B 79 -15.80 -6.58 -6.49
C ALA B 79 -16.91 -6.85 -5.50
N PRO B 80 -17.86 -7.75 -5.80
CA PRO B 80 -18.84 -8.07 -4.79
C PRO B 80 -18.15 -8.60 -3.51
N GLY B 81 -18.48 -8.02 -2.38
CA GLY B 81 -17.82 -8.41 -1.15
C GLY B 81 -16.41 -7.92 -0.94
N SER B 82 -15.97 -6.93 -1.74
CA SER B 82 -14.62 -6.38 -1.59
CA SER B 82 -14.60 -6.37 -1.61
C SER B 82 -14.66 -4.86 -1.67
N ALA B 83 -14.10 -4.19 -0.66
CA ALA B 83 -14.10 -2.73 -0.57
C ALA B 83 -12.69 -2.25 -0.27
N LEU B 84 -12.28 -1.22 -0.98
CA LEU B 84 -10.95 -0.66 -0.92
C LEU B 84 -11.07 0.79 -0.47
N ALA B 85 -10.25 1.17 0.49
CA ALA B 85 -10.18 2.57 0.93
C ALA B 85 -8.75 3.05 0.87
N VAL B 86 -8.61 4.29 0.43
CA VAL B 86 -7.34 5.05 0.54
C VAL B 86 -7.66 6.14 1.58
N VAL B 87 -6.98 6.05 2.71
CA VAL B 87 -7.17 6.91 3.87
C VAL B 87 -6.03 7.88 4.01
N THR B 88 -6.34 9.14 4.24
CA THR B 88 -5.35 10.18 4.52
C THR B 88 -5.49 10.47 6.01
N LEU B 89 -4.38 10.40 6.73
CA LEU B 89 -4.37 10.65 8.17
CA LEU B 89 -4.33 10.63 8.18
C LEU B 89 -3.17 11.53 8.51
N ILE B 90 -3.24 12.14 9.68
CA ILE B 90 -2.12 12.92 10.20
C ILE B 90 -1.63 12.16 11.44
N GLN B 91 -0.35 11.79 11.40
CA GLN B 91 0.31 11.03 12.46
C GLN B 91 1.23 11.97 13.22
N ASP B 92 1.19 11.85 14.53
CA ASP B 92 2.06 12.64 15.39
C ASP B 92 3.53 12.26 15.18
N ALA B 93 4.42 13.16 15.56
CA ALA B 93 5.84 12.88 15.61
C ALA B 93 6.08 11.70 16.55
N TYR B 94 7.17 11.00 16.32
CA TYR B 94 7.62 9.90 17.15
C TYR B 94 9.10 9.64 16.94
N VAL B 95 9.67 8.78 17.77
CA VAL B 95 11.09 8.40 17.70
C VAL B 95 11.12 6.92 17.39
N THR B 96 11.91 6.54 16.40
CA THR B 96 12.02 5.14 16.01
C THR B 96 12.78 4.31 17.07
N PRO B 97 12.68 2.98 16.97
CA PRO B 97 13.38 2.16 18.01
C PRO B 97 14.87 2.44 18.14
N ASP B 98 15.48 2.64 16.97
CA ASP B 98 16.91 3.00 16.86
C ASP B 98 17.26 4.47 17.21
N GLY B 99 16.27 5.34 17.39
CA GLY B 99 16.51 6.72 17.86
C GLY B 99 16.39 7.85 16.87
N ARG B 100 15.80 7.57 15.71
CA ARG B 100 15.60 8.62 14.70
C ARG B 100 14.29 9.37 14.97
N GLN B 101 14.34 10.70 14.86
CA GLN B 101 13.16 11.51 15.03
C GLN B 101 12.37 11.51 13.73
N MSE B 102 11.11 11.11 13.81
CA MSE B 102 10.16 11.19 12.69
C MSE B 102 9.19 12.35 12.97
O MSE B 102 8.65 12.47 14.08
CB MSE B 102 9.37 9.90 12.55
CG MSE B 102 10.27 8.70 12.22
SE MSE B 102 11.24 8.83 10.55
CE MSE B 102 9.75 8.53 9.35
N PRO B 103 9.04 13.25 11.99
CA PRO B 103 8.17 14.39 12.20
C PRO B 103 6.70 14.06 12.04
N ARG B 104 5.86 14.94 12.57
CA ARG B 104 4.44 14.92 12.29
CA ARG B 104 4.44 14.88 12.31
C ARG B 104 4.32 14.89 10.77
N ALA B 105 3.44 14.06 10.23
CA ALA B 105 3.27 13.95 8.78
C ALA B 105 1.93 13.37 8.45
N HIS B 106 1.48 13.62 7.21
CA HIS B 106 0.35 12.90 6.68
C HIS B 106 0.87 11.55 6.18
N ASP B 107 0.03 10.53 6.38
CA ASP B 107 0.25 9.21 5.82
C ASP B 107 -0.89 8.91 4.84
N ARG B 108 -0.59 8.04 3.88
CA ARG B 108 -1.55 7.57 2.87
C ARG B 108 -1.62 6.06 3.07
N LEU B 109 -2.77 5.60 3.56
CA LEU B 109 -2.96 4.24 3.98
C LEU B 109 -4.02 3.54 3.12
N THR B 110 -3.63 2.42 2.53
CA THR B 110 -4.55 1.51 1.84
C THR B 110 -5.12 0.56 2.86
N LEU B 111 -6.44 0.40 2.87
CA LEU B 111 -7.10 -0.64 3.63
C LEU B 111 -8.03 -1.41 2.69
N LEU B 112 -7.99 -2.73 2.77
CA LEU B 112 -8.81 -3.61 1.92
C LEU B 112 -9.60 -4.51 2.83
N ALA B 113 -10.93 -4.49 2.67
CA ALA B 113 -11.84 -5.33 3.45
C ALA B 113 -12.58 -6.29 2.53
N VAL B 114 -12.79 -7.50 3.01
CA VAL B 114 -13.56 -8.50 2.28
C VAL B 114 -14.64 -9.07 3.20
N GLU B 115 -15.76 -9.44 2.58
CA GLU B 115 -16.94 -9.97 3.28
C GLU B 115 -16.94 -11.48 3.19
N ARG B 116 -17.15 -12.14 4.31
CA ARG B 116 -17.27 -13.61 4.40
C ARG B 116 -18.45 -13.92 5.33
N GLU B 117 -19.42 -14.65 4.81
CA GLU B 117 -20.62 -15.03 5.57
C GLU B 117 -21.26 -13.82 6.27
N GLY B 118 -21.38 -12.73 5.51
CA GLY B 118 -22.08 -11.56 5.96
C GLY B 118 -21.33 -10.60 6.83
N VAL B 119 -20.07 -10.91 7.16
CA VAL B 119 -19.24 -10.06 8.01
C VAL B 119 -18.04 -9.54 7.24
N TRP B 120 -17.71 -8.28 7.45
CA TRP B 120 -16.53 -7.68 6.83
C TRP B 120 -15.39 -7.53 7.81
N ARG B 121 -14.17 -7.82 7.36
CA ARG B 121 -12.96 -7.51 8.12
C ARG B 121 -11.87 -7.12 7.14
N PHE B 122 -10.81 -6.49 7.65
CA PHE B 122 -9.67 -6.19 6.82
C PHE B 122 -8.90 -7.47 6.46
N ILE B 123 -8.48 -7.54 5.20
CA ILE B 123 -7.58 -8.56 4.70
C ILE B 123 -6.16 -7.97 4.51
N HIS B 124 -6.02 -6.67 4.35
CA HIS B 124 -4.73 -6.07 4.08
C HIS B 124 -4.70 -4.60 4.37
N GLY B 125 -3.53 -4.11 4.76
CA GLY B 125 -3.26 -2.68 4.87
C GLY B 125 -1.84 -2.40 4.41
N HIS B 126 -1.65 -1.21 3.87
CA HIS B 126 -0.33 -0.79 3.38
C HIS B 126 -0.24 0.72 3.61
N ASN B 127 0.81 1.16 4.31
CA ASN B 127 0.95 2.55 4.67
C ASN B 127 2.22 3.14 4.06
N THR B 128 2.13 4.41 3.66
CA THR B 128 3.25 5.21 3.13
C THR B 128 3.18 6.63 3.69
N ILE B 129 4.32 7.18 4.09
CA ILE B 129 4.35 8.55 4.55
C ILE B 129 4.26 9.48 3.36
N VAL B 130 3.40 10.49 3.46
CA VAL B 130 3.28 11.51 2.43
C VAL B 130 4.46 12.50 2.58
N ASN B 131 5.28 12.60 1.55
CA ASN B 131 6.40 13.55 1.52
C ASN B 131 5.86 14.91 1.09
N PRO B 132 5.84 15.91 1.99
CA PRO B 132 5.27 17.19 1.62
C PRO B 132 6.12 17.99 0.58
N ASP B 133 7.43 17.73 0.56
CA ASP B 133 8.35 18.36 -0.40
C ASP B 133 8.08 17.87 -1.82
N ALA B 134 7.81 16.56 -1.96
CA ALA B 134 7.55 15.94 -3.24
C ALA B 134 6.18 16.25 -3.84
N ALA B 135 5.19 16.60 -3.01
CA ALA B 135 3.79 16.72 -3.47
C ALA B 135 3.54 17.58 -4.68
N ASN B 136 4.22 18.74 -4.81
CA ASN B 136 4.06 19.64 -5.97
CA ASN B 136 3.95 19.62 -5.98
C ASN B 136 4.56 19.07 -7.30
N ASN B 137 5.29 17.94 -7.24
CA ASN B 137 5.78 17.26 -8.43
C ASN B 137 4.78 16.24 -8.95
N ASP B 138 3.60 16.14 -8.34
CA ASP B 138 2.62 15.13 -8.75
C ASP B 138 2.16 15.47 -10.17
N PRO B 139 2.43 14.58 -11.14
CA PRO B 139 2.07 14.89 -12.54
C PRO B 139 0.59 15.11 -12.80
N VAL B 140 -0.30 14.53 -11.99
CA VAL B 140 -1.75 14.66 -12.20
CA VAL B 140 -1.75 14.67 -12.22
C VAL B 140 -2.21 16.12 -12.08
N LEU B 141 -1.44 16.94 -11.36
CA LEU B 141 -1.72 18.40 -11.28
C LEU B 141 -1.61 19.07 -12.68
N ARG B 142 -0.85 18.48 -13.61
CA ARG B 142 -0.64 19.00 -15.00
C ARG B 142 -1.59 18.43 -16.07
N MSE B 143 -2.53 17.54 -15.74
CA MSE B 143 -3.45 16.97 -16.76
C MSE B 143 -4.45 17.96 -17.35
O MSE B 143 -5.25 18.54 -16.63
CB MSE B 143 -4.18 15.75 -16.21
CG MSE B 143 -3.29 14.60 -16.06
SE MSE B 143 -4.20 13.08 -15.30
CE MSE B 143 -5.16 12.26 -16.66
O1 UNL C . 8.75 14.14 -6.40
O2 UNL C . 9.43 13.21 -5.88
O3 UNL C . 10.35 13.39 -5.04
O4 UNL C . 9.19 11.75 -6.21
O5 UNL C . 9.90 10.71 -5.52
O6 UNL C . 9.64 9.36 -5.87
O7 UNL C . 8.71 9.03 -6.88
O8 UNL C . 8.02 10.05 -7.56
O9 UNL C . 8.26 11.41 -7.23
O1 UNL D . 5.15 3.18 -7.18
O2 UNL D . 5.69 4.05 -6.77
O3 UNL D . 6.94 5.21 -6.68
S SO4 E . 14.01 -8.54 21.10
O1 SO4 E . 15.15 -7.61 20.94
O2 SO4 E . 14.47 -9.89 20.88
O3 SO4 E . 13.46 -8.51 22.49
O4 SO4 E . 12.98 -8.19 20.10
S SO4 F . 10.95 -10.21 4.67
O1 SO4 F . 12.36 -9.81 4.61
O2 SO4 F . 10.53 -10.75 5.99
O3 SO4 F . 10.04 -9.12 4.28
O4 SO4 F . 10.81 -11.36 3.72
S SO4 G . 11.70 16.68 -4.45
O1 SO4 G . 13.08 16.52 -3.96
O2 SO4 G . 11.16 17.98 -3.95
O3 SO4 G . 10.85 15.61 -3.90
O4 SO4 G . 11.72 16.68 -5.91
C1 GOL H . -3.72 -19.59 -3.44
C1 GOL H . -3.62 -19.05 -2.78
O1 GOL H . -3.89 -18.44 -2.67
O1 GOL H . -4.67 -18.52 -2.01
C2 GOL H . -4.69 -19.54 -4.54
C2 GOL H . -4.02 -19.39 -4.21
O2 GOL H . -5.11 -20.82 -4.90
O2 GOL H . -3.31 -20.55 -4.61
C3 GOL H . -4.11 -18.71 -5.67
C3 GOL H . -3.58 -18.37 -5.22
O3 GOL H . -5.01 -18.55 -6.75
O3 GOL H . -4.48 -18.40 -6.27
O1 UNL I . 11.86 0.62 13.16
O2 UNL I . 11.50 1.74 12.67
O3 UNL I . 12.32 2.60 12.31
O4 UNL I . 10.01 2.05 12.45
O5 UNL I . 9.58 3.25 11.79
O6 UNL I . 8.18 3.41 11.60
O7 UNL I . 7.28 2.40 12.07
O8 UNL I . 7.71 1.25 12.75
O9 UNL I . 9.12 1.06 12.89
O1 UNL J . 1.18 1.27 9.33
O2 UNL J . 2.21 1.60 9.66
O3 UNL J . 3.74 2.22 10.06
S SO4 K . -4.76 14.53 -2.70
O1 SO4 K . -4.08 15.59 -1.90
O2 SO4 K . -4.17 13.23 -2.32
O3 SO4 K . -6.19 14.53 -2.37
O4 SO4 K . -4.67 14.78 -4.16
S SO4 L . -11.35 -15.96 13.77
O1 SO4 L . -10.45 -15.55 14.83
O2 SO4 L . -10.95 -17.28 13.27
O3 SO4 L . -12.70 -16.00 14.34
O4 SO4 L . -11.34 -15.00 12.66
#